data_4QOC
#
_entry.id   4QOC
#
_cell.length_a   56.576
_cell.length_b   98.925
_cell.length_c   103.921
_cell.angle_alpha   90
_cell.angle_beta   90
_cell.angle_gamma   90
#
_symmetry.space_group_name_H-M   'P 21 21 21'
#
loop_
_entity.id
_entity.type
_entity.pdbx_description
1 polymer 'E3 ubiquitin-protein ligase Mdm2'
2 non-polymer '{(3R,5R,6S)-5-(3-chlorophenyl)-6-(4-chlorophenyl)-1-[(1S)-1-cyclopropyl-2-(pyrrolidin-1-ylsulfonyl)ethyl]-3-methyl-2-oxopiperidin-3-yl}acetic acid'
3 water water
#
_entity_poly.entity_id   1
_entity_poly.type   'polypeptide(L)'
_entity_poly.pdbx_seq_one_letter_code
;GSQIPASEQETLVRPKPLLLKLLKSVGAQKDTYTMKEVLFYLGQYIMTKRLYDEKQQHIVYCSNDLLGDLFGVPSFSVKE
HRKIYTMIYRNLVVVN
;
_entity_poly.pdbx_strand_id   A,C,E,G,I,K
#
loop_
_chem_comp.id
_chem_comp.type
_chem_comp.name
_chem_comp.formula
35T non-polymer '{(3R,5R,6S)-5-(3-chlorophenyl)-6-(4-chlorophenyl)-1-[(1S)-1-cyclopropyl-2-(pyrrolidin-1-ylsulfonyl)ethyl]-3-methyl-2-oxopiperidin-3-yl}acetic acid' 'C29 H34 Cl2 N2 O5 S'
#
# COMPACT_ATOMS: atom_id res chain seq x y z
N ILE A 4 5.76 -12.87 -43.31
CA ILE A 4 5.29 -11.51 -43.69
C ILE A 4 6.12 -11.08 -44.91
N PRO A 5 5.46 -10.50 -45.91
CA PRO A 5 6.20 -10.06 -47.09
C PRO A 5 7.03 -8.83 -46.78
N ALA A 6 8.22 -8.75 -47.36
CA ALA A 6 9.13 -7.62 -47.14
C ALA A 6 8.50 -6.28 -47.51
N SER A 7 7.62 -6.28 -48.51
CA SER A 7 7.01 -5.03 -48.93
C SER A 7 6.15 -4.36 -47.85
N GLU A 8 5.67 -5.13 -46.88
CA GLU A 8 4.83 -4.57 -45.83
C GLU A 8 5.60 -3.55 -45.00
N GLN A 9 6.91 -3.70 -44.97
CA GLN A 9 7.79 -2.81 -44.22
C GLN A 9 7.77 -1.39 -44.78
N GLU A 10 7.44 -1.26 -46.06
CA GLU A 10 7.41 0.04 -46.72
C GLU A 10 6.04 0.73 -46.66
N THR A 11 5.06 0.04 -46.10
CA THR A 11 3.70 0.57 -45.98
C THR A 11 3.66 1.86 -45.16
N LEU A 12 2.99 2.87 -45.72
CA LEU A 12 2.85 4.18 -45.09
C LEU A 12 1.58 4.29 -44.23
N VAL A 13 1.75 4.72 -42.99
CA VAL A 13 0.62 4.81 -42.08
C VAL A 13 0.65 6.06 -41.20
N ARG A 14 -0.51 6.41 -40.65
CA ARG A 14 -0.63 7.55 -39.75
C ARG A 14 -1.24 7.06 -38.44
N PRO A 15 -0.40 6.92 -37.42
CA PRO A 15 -0.83 6.46 -36.10
C PRO A 15 -1.92 7.35 -35.53
N LYS A 16 -2.88 6.72 -34.85
CA LYS A 16 -3.95 7.44 -34.19
C LYS A 16 -3.32 8.06 -32.96
N PRO A 17 -3.95 9.09 -32.38
CA PRO A 17 -3.50 9.83 -31.19
C PRO A 17 -2.76 9.07 -30.07
N LEU A 18 -3.38 8.03 -29.49
CA LEU A 18 -2.74 7.28 -28.41
C LEU A 18 -1.57 6.41 -28.85
N LEU A 19 -1.56 5.96 -30.10
CA LEU A 19 -0.42 5.16 -30.54
C LEU A 19 0.72 6.14 -30.80
N LEU A 20 0.37 7.35 -31.25
CA LEU A 20 1.39 8.36 -31.48
C LEU A 20 1.99 8.75 -30.13
N LYS A 21 1.15 8.81 -29.11
CA LYS A 21 1.63 9.16 -27.76
C LYS A 21 2.73 8.16 -27.37
N LEU A 22 2.46 6.88 -27.58
CA LEU A 22 3.40 5.82 -27.27
C LEU A 22 4.67 5.95 -28.11
N LEU A 23 4.51 6.15 -29.42
CA LEU A 23 5.67 6.31 -30.31
C LEU A 23 6.56 7.49 -29.98
N LYS A 24 5.98 8.57 -29.46
CA LYS A 24 6.78 9.75 -29.15
C LYS A 24 7.72 9.63 -27.95
N SER A 25 7.62 8.55 -27.21
CA SER A 25 8.53 8.39 -26.08
C SER A 25 9.80 7.68 -26.55
N VAL A 26 9.82 7.22 -27.80
CA VAL A 26 10.99 6.54 -28.34
C VAL A 26 11.44 7.08 -29.69
N GLY A 27 10.57 7.81 -30.37
CA GLY A 27 10.93 8.34 -31.68
C GLY A 27 10.38 9.72 -31.93
N ALA A 28 10.80 10.33 -33.04
CA ALA A 28 10.34 11.65 -33.39
C ALA A 28 8.92 11.64 -33.93
N GLN A 29 8.17 12.70 -33.66
CA GLN A 29 6.81 12.78 -34.18
C GLN A 29 6.92 13.03 -35.68
N LYS A 30 6.08 12.34 -36.46
CA LYS A 30 6.05 12.46 -37.91
C LYS A 30 4.59 12.39 -38.34
N ASP A 31 4.26 12.99 -39.49
CA ASP A 31 2.91 12.98 -39.98
C ASP A 31 2.63 11.55 -40.50
N THR A 32 3.64 10.97 -41.15
CA THR A 32 3.56 9.65 -41.73
C THR A 32 4.73 8.80 -41.30
N TYR A 33 4.47 7.52 -41.04
CA TYR A 33 5.51 6.57 -40.67
C TYR A 33 5.46 5.37 -41.60
N THR A 34 6.55 4.61 -41.65
CA THR A 34 6.54 3.39 -42.44
C THR A 34 6.30 2.31 -41.39
N MET A 35 5.80 1.15 -41.81
CA MET A 35 5.57 0.09 -40.83
C MET A 35 6.92 -0.30 -40.20
N LYS A 36 8.00 -0.24 -40.98
CA LYS A 36 9.31 -0.59 -40.45
C LYS A 36 9.60 0.22 -39.20
N GLU A 37 9.31 1.52 -39.27
CA GLU A 37 9.53 2.43 -38.14
C GLU A 37 8.60 2.08 -36.99
N VAL A 38 7.32 1.92 -37.29
CA VAL A 38 6.37 1.60 -36.23
C VAL A 38 6.75 0.35 -35.44
N LEU A 39 7.18 -0.70 -36.14
CA LEU A 39 7.59 -1.93 -35.43
C LEU A 39 8.84 -1.71 -34.64
N PHE A 40 9.79 -0.97 -35.23
CA PHE A 40 11.02 -0.69 -34.51
C PHE A 40 10.73 0.05 -33.21
N TYR A 41 9.98 1.16 -33.31
CA TYR A 41 9.63 1.95 -32.14
C TYR A 41 8.82 1.21 -31.10
N LEU A 42 7.85 0.42 -31.55
CA LEU A 42 7.02 -0.35 -30.62
C LEU A 42 7.89 -1.37 -29.90
N GLY A 43 8.81 -1.97 -30.64
CA GLY A 43 9.71 -2.94 -30.03
C GLY A 43 10.57 -2.27 -28.96
N GLN A 44 11.09 -1.09 -29.26
CA GLN A 44 11.93 -0.38 -28.30
C GLN A 44 11.08 0.05 -27.11
N TYR A 45 9.87 0.54 -27.38
CA TYR A 45 8.97 0.96 -26.30
C TYR A 45 8.70 -0.21 -25.35
N ILE A 46 8.35 -1.36 -25.93
CA ILE A 46 8.08 -2.52 -25.12
C ILE A 46 9.25 -2.83 -24.17
N MET A 47 10.47 -2.75 -24.67
CA MET A 47 11.63 -3.02 -23.81
C MET A 47 11.83 -1.96 -22.73
N THR A 48 11.62 -0.69 -23.08
CA THR A 48 11.80 0.40 -22.11
C THR A 48 10.85 0.33 -20.94
N LYS A 49 9.68 -0.26 -21.13
CA LYS A 49 8.75 -0.33 -20.02
C LYS A 49 8.68 -1.72 -19.39
N ARG A 50 9.68 -2.54 -19.68
CA ARG A 50 9.78 -3.88 -19.14
C ARG A 50 8.60 -4.79 -19.43
N LEU A 51 7.92 -4.58 -20.54
CA LEU A 51 6.79 -5.43 -20.84
C LEU A 51 7.24 -6.78 -21.38
N TYR A 52 8.46 -6.83 -21.90
CA TYR A 52 8.97 -8.08 -22.43
C TYR A 52 10.31 -8.38 -21.78
N ASP A 53 10.45 -9.61 -21.33
CA ASP A 53 11.72 -10.01 -20.79
C ASP A 53 12.13 -11.29 -21.50
N GLU A 54 13.36 -11.29 -21.96
CA GLU A 54 13.90 -12.41 -22.71
C GLU A 54 13.80 -13.76 -22.02
N LYS A 55 13.96 -13.71 -20.70
CA LYS A 55 13.91 -14.86 -19.85
C LYS A 55 12.50 -15.48 -19.80
N GLN A 56 11.45 -14.75 -20.20
CA GLN A 56 10.08 -15.29 -20.19
C GLN A 56 9.34 -15.73 -21.46
N GLN A 57 10.12 -16.40 -22.31
CA GLN A 57 9.43 -17.18 -23.33
C GLN A 57 8.55 -16.56 -24.35
N HIS A 58 9.01 -15.48 -24.93
CA HIS A 58 8.28 -14.92 -25.99
C HIS A 58 6.96 -14.23 -25.69
N ILE A 59 6.59 -14.02 -24.42
CA ILE A 59 5.31 -13.35 -24.16
C ILE A 59 5.52 -11.91 -23.66
N VAL A 60 4.75 -10.99 -24.23
CA VAL A 60 4.78 -9.59 -23.85
C VAL A 60 3.56 -9.43 -22.93
N TYR A 61 3.77 -8.90 -21.73
CA TYR A 61 2.66 -8.69 -20.81
C TYR A 61 2.40 -7.19 -20.80
N CYS A 62 1.22 -6.79 -21.25
CA CYS A 62 0.90 -5.38 -21.36
C CYS A 62 -0.39 -4.92 -20.69
N SER A 63 -0.90 -5.69 -19.74
CA SER A 63 -2.13 -5.34 -19.05
C SER A 63 -1.95 -4.15 -18.12
N ASN A 64 -0.70 -3.83 -17.80
CA ASN A 64 -0.42 -2.71 -16.91
C ASN A 64 0.14 -1.52 -17.69
N ASP A 65 -0.14 -1.46 -18.99
CA ASP A 65 0.41 -0.39 -19.80
C ASP A 65 -0.57 0.07 -20.88
N LEU A 66 -0.34 1.26 -21.42
CA LEU A 66 -1.18 1.80 -22.49
C LEU A 66 -1.19 0.85 -23.68
N LEU A 67 -0.07 0.18 -23.92
CA LEU A 67 0.01 -0.74 -25.05
C LEU A 67 -1.12 -1.77 -24.99
N GLY A 68 -1.38 -2.28 -23.80
CA GLY A 68 -2.43 -3.26 -23.62
C GLY A 68 -3.79 -2.70 -23.97
N ASP A 69 -4.00 -1.42 -23.65
CA ASP A 69 -5.27 -0.75 -23.94
C ASP A 69 -5.46 -0.75 -25.47
N LEU A 70 -4.43 -0.29 -26.18
CA LEU A 70 -4.44 -0.19 -27.65
C LEU A 70 -4.52 -1.51 -28.39
N PHE A 71 -3.85 -2.53 -27.88
CA PHE A 71 -3.87 -3.84 -28.54
C PHE A 71 -5.09 -4.65 -28.16
N GLY A 72 -5.78 -4.22 -27.10
CA GLY A 72 -6.98 -4.92 -26.67
C GLY A 72 -6.72 -6.32 -26.18
N VAL A 73 -5.55 -6.55 -25.59
CA VAL A 73 -5.20 -7.86 -25.05
C VAL A 73 -4.26 -7.67 -23.84
N PRO A 74 -4.25 -8.65 -22.91
CA PRO A 74 -3.37 -8.50 -21.75
C PRO A 74 -1.94 -8.98 -22.02
N SER A 75 -1.77 -9.78 -23.06
CA SER A 75 -0.44 -10.30 -23.40
C SER A 75 -0.51 -10.90 -24.81
N PHE A 76 0.65 -11.14 -25.41
CA PHE A 76 0.72 -11.74 -26.75
C PHE A 76 2.11 -12.28 -27.02
N SER A 77 2.22 -13.16 -28.01
CA SER A 77 3.50 -13.75 -28.35
C SER A 77 4.25 -12.92 -29.37
N VAL A 78 5.55 -12.71 -29.11
CA VAL A 78 6.37 -11.92 -30.02
C VAL A 78 6.62 -12.71 -31.30
N LYS A 79 6.26 -13.99 -31.28
CA LYS A 79 6.46 -14.85 -32.44
C LYS A 79 5.26 -14.88 -33.39
N GLU A 80 4.10 -14.40 -32.94
CA GLU A 80 2.92 -14.41 -33.80
C GLU A 80 2.83 -13.07 -34.51
N HIS A 81 3.63 -12.91 -35.57
CA HIS A 81 3.68 -11.64 -36.29
C HIS A 81 2.41 -11.17 -36.97
N ARG A 82 1.68 -12.06 -37.63
CA ARG A 82 0.46 -11.65 -38.28
C ARG A 82 -0.52 -11.08 -37.30
N LYS A 83 -0.57 -11.66 -36.10
CA LYS A 83 -1.48 -11.17 -35.09
C LYS A 83 -1.05 -9.78 -34.64
N ILE A 84 0.26 -9.61 -34.47
CA ILE A 84 0.82 -8.32 -34.06
C ILE A 84 0.39 -7.25 -35.06
N TYR A 85 0.55 -7.53 -36.34
CA TYR A 85 0.16 -6.57 -37.37
C TYR A 85 -1.30 -6.21 -37.27
N THR A 86 -2.14 -7.21 -36.99
CA THR A 86 -3.56 -6.92 -36.87
C THR A 86 -3.79 -5.99 -35.68
N MET A 87 -3.07 -6.22 -34.59
CA MET A 87 -3.24 -5.38 -33.41
C MET A 87 -2.80 -3.94 -33.66
N ILE A 88 -1.79 -3.77 -34.51
CA ILE A 88 -1.25 -2.46 -34.85
C ILE A 88 -2.17 -1.68 -35.81
N TYR A 89 -2.81 -2.39 -36.73
CA TYR A 89 -3.72 -1.77 -37.70
C TYR A 89 -4.95 -1.20 -37.00
N ARG A 90 -5.27 -1.76 -35.82
CA ARG A 90 -6.41 -1.23 -35.04
C ARG A 90 -6.10 0.19 -34.63
N ASN A 91 -4.82 0.55 -34.66
CA ASN A 91 -4.41 1.87 -34.17
C ASN A 91 -3.80 2.88 -35.13
N LEU A 92 -4.06 2.70 -36.42
CA LEU A 92 -3.54 3.64 -37.40
C LEU A 92 -4.46 3.74 -38.60
N VAL A 93 -4.18 4.72 -39.44
CA VAL A 93 -4.93 4.95 -40.67
C VAL A 93 -3.89 4.86 -41.78
N VAL A 94 -4.20 4.11 -42.83
CA VAL A 94 -3.25 3.95 -43.91
C VAL A 94 -3.21 5.16 -44.83
N VAL A 95 -2.01 5.55 -45.27
CA VAL A 95 -1.89 6.65 -46.21
C VAL A 95 -1.97 5.99 -47.59
N ILE B 4 7.54 13.73 6.53
CA ILE B 4 6.11 13.28 6.73
C ILE B 4 5.75 12.73 8.17
N PRO B 5 4.68 13.17 8.88
CA PRO B 5 4.37 12.61 10.20
C PRO B 5 3.81 11.18 9.92
N ALA B 6 4.08 10.19 10.77
CA ALA B 6 3.63 8.82 10.52
C ALA B 6 2.12 8.63 10.44
N SER B 7 1.37 9.50 11.11
CA SER B 7 -0.08 9.37 11.09
C SER B 7 -0.65 9.45 9.67
N GLU B 8 0.03 10.17 8.79
CA GLU B 8 -0.46 10.30 7.41
C GLU B 8 -0.58 8.95 6.72
N GLN B 9 0.25 7.99 7.12
CA GLN B 9 0.21 6.65 6.54
C GLN B 9 -1.14 5.99 6.80
N GLU B 10 -1.84 6.44 7.83
CA GLU B 10 -3.12 5.83 8.15
C GLU B 10 -4.31 6.50 7.50
N THR B 11 -4.05 7.59 6.78
CA THR B 11 -5.10 8.35 6.08
C THR B 11 -5.87 7.52 5.07
N LEU B 12 -7.20 7.53 5.20
CA LEU B 12 -8.09 6.78 4.31
C LEU B 12 -8.45 7.55 3.05
N VAL B 13 -8.31 6.92 1.89
CA VAL B 13 -8.61 7.57 0.64
C VAL B 13 -9.27 6.66 -0.38
N ARG B 14 -9.90 7.26 -1.38
CA ARG B 14 -10.54 6.51 -2.46
C ARG B 14 -10.02 7.13 -3.72
N PRO B 15 -9.12 6.44 -4.39
CA PRO B 15 -8.47 6.87 -5.64
C PRO B 15 -9.45 7.12 -6.76
N LYS B 16 -9.13 8.10 -7.60
CA LYS B 16 -9.98 8.41 -8.73
C LYS B 16 -9.76 7.31 -9.76
N PRO B 17 -10.68 7.18 -10.72
CA PRO B 17 -10.63 6.17 -11.78
C PRO B 17 -9.26 5.76 -12.35
N LEU B 18 -8.49 6.72 -12.86
CA LEU B 18 -7.18 6.41 -13.46
C LEU B 18 -6.09 6.00 -12.48
N LEU B 19 -6.14 6.53 -11.26
CA LEU B 19 -5.15 6.12 -10.28
C LEU B 19 -5.49 4.69 -9.86
N LEU B 20 -6.78 4.38 -9.83
CA LEU B 20 -7.23 3.04 -9.46
C LEU B 20 -6.74 2.10 -10.55
N LYS B 21 -6.79 2.56 -11.80
CA LYS B 21 -6.33 1.75 -12.91
C LYS B 21 -4.88 1.37 -12.69
N LEU B 22 -4.10 2.35 -12.32
CA LEU B 22 -2.71 2.22 -12.05
C LEU B 22 -2.48 1.19 -10.89
N LEU B 23 -3.14 1.47 -9.77
CA LEU B 23 -3.02 0.63 -8.58
C LEU B 23 -3.39 -0.84 -8.77
N LYS B 24 -4.43 -1.10 -9.56
CA LYS B 24 -4.87 -2.47 -9.79
C LYS B 24 -3.86 -3.36 -10.50
N SER B 25 -2.77 -2.78 -10.98
CA SER B 25 -1.75 -3.56 -11.67
C SER B 25 -0.73 -4.07 -10.66
N VAL B 26 -0.84 -3.61 -9.41
CA VAL B 26 0.08 -4.04 -8.37
C VAL B 26 -0.64 -4.49 -7.10
N GLY B 27 -1.84 -3.96 -6.89
CA GLY B 27 -2.57 -4.32 -5.69
C GLY B 27 -3.98 -4.77 -5.94
N ALA B 28 -4.59 -5.36 -4.92
CA ALA B 28 -5.97 -5.82 -5.04
C ALA B 28 -6.91 -4.62 -4.98
N GLN B 29 -8.04 -4.72 -5.65
CA GLN B 29 -9.02 -3.64 -5.64
C GLN B 29 -9.74 -3.57 -4.29
N LYS B 30 -9.90 -2.36 -3.76
CA LYS B 30 -10.57 -2.10 -2.48
C LYS B 30 -11.40 -0.82 -2.62
N ASP B 31 -12.42 -0.63 -1.79
CA ASP B 31 -13.20 0.59 -1.92
C ASP B 31 -12.47 1.73 -1.23
N THR B 32 -11.64 1.39 -0.26
CA THR B 32 -10.89 2.39 0.49
C THR B 32 -9.47 1.91 0.72
N TYR B 33 -8.51 2.81 0.53
CA TYR B 33 -7.09 2.48 0.75
C TYR B 33 -6.52 3.37 1.83
N THR B 34 -5.36 2.99 2.35
CA THR B 34 -4.66 3.81 3.34
C THR B 34 -3.53 4.42 2.55
N MET B 35 -3.05 5.59 2.94
CA MET B 35 -1.94 6.18 2.21
C MET B 35 -0.75 5.22 2.24
N LYS B 36 -0.60 4.42 3.30
CA LYS B 36 0.59 3.48 3.28
C LYS B 36 0.41 2.54 2.14
N GLU B 37 -0.79 2.02 1.88
CA GLU B 37 -1.00 1.13 0.74
C GLU B 37 -0.74 1.87 -0.57
N VAL B 38 -1.31 3.06 -0.72
CA VAL B 38 -1.10 3.84 -1.95
C VAL B 38 0.39 4.05 -2.27
N LEU B 39 1.17 4.50 -1.30
CA LEU B 39 2.60 4.74 -1.54
C LEU B 39 3.37 3.46 -1.81
N PHE B 40 3.01 2.38 -1.13
CA PHE B 40 3.69 1.12 -1.38
C PHE B 40 3.43 0.69 -2.82
N TYR B 41 2.16 0.62 -3.20
CA TYR B 41 1.79 0.21 -4.56
C TYR B 41 2.41 1.10 -5.63
N LEU B 42 2.36 2.41 -5.44
CA LEU B 42 2.97 3.33 -6.39
C LEU B 42 4.46 3.04 -6.52
N GLY B 43 5.09 2.79 -5.38
CA GLY B 43 6.50 2.50 -5.36
C GLY B 43 6.82 1.26 -6.17
N GLN B 44 6.00 0.22 -5.99
CA GLN B 44 6.20 -1.03 -6.72
C GLN B 44 5.88 -0.87 -8.20
N TYR B 45 4.85 -0.10 -8.51
CA TYR B 45 4.47 0.16 -9.91
C TYR B 45 5.62 0.85 -10.65
N ILE B 46 6.17 1.88 -10.03
CA ILE B 46 7.26 2.63 -10.61
C ILE B 46 8.45 1.73 -10.96
N MET B 47 8.82 0.85 -10.04
CA MET B 47 9.95 -0.07 -10.28
C MET B 47 9.66 -1.06 -11.40
N THR B 48 8.42 -1.53 -11.47
CA THR B 48 8.06 -2.52 -12.49
C THR B 48 7.96 -1.97 -13.92
N LYS B 49 7.89 -0.66 -14.09
CA LYS B 49 7.82 -0.09 -15.43
C LYS B 49 9.09 0.68 -15.73
N ARG B 50 10.11 0.39 -14.94
CA ARG B 50 11.43 0.99 -15.04
C ARG B 50 11.43 2.51 -15.15
N LEU B 51 10.54 3.16 -14.41
CA LEU B 51 10.47 4.62 -14.42
C LEU B 51 11.54 5.22 -13.51
N TYR B 52 12.05 4.40 -12.61
CA TYR B 52 13.09 4.80 -11.65
C TYR B 52 14.24 3.80 -11.64
N ASP B 53 15.45 4.33 -11.61
CA ASP B 53 16.65 3.51 -11.56
C ASP B 53 17.53 4.08 -10.49
N GLU B 54 17.73 3.32 -9.41
CA GLU B 54 18.54 3.79 -8.31
C GLU B 54 19.90 4.36 -8.72
N LYS B 55 20.39 3.97 -9.90
CA LYS B 55 21.68 4.47 -10.39
C LYS B 55 21.51 5.82 -11.05
N GLN B 56 20.28 6.29 -11.10
CA GLN B 56 20.10 7.57 -11.70
C GLN B 56 19.55 8.65 -10.81
N GLN B 57 20.41 9.04 -9.88
CA GLN B 57 20.25 10.12 -8.92
C GLN B 57 18.90 10.51 -8.36
N HIS B 58 18.11 9.53 -7.95
CA HIS B 58 16.85 9.85 -7.31
C HIS B 58 15.73 10.48 -8.15
N ILE B 59 15.82 10.48 -9.47
CA ILE B 59 14.76 11.07 -10.25
C ILE B 59 13.91 10.00 -10.96
N VAL B 60 12.59 10.18 -10.89
CA VAL B 60 11.64 9.27 -11.54
C VAL B 60 11.28 9.93 -12.85
N TYR B 61 11.41 9.20 -13.95
CA TYR B 61 11.07 9.70 -15.27
C TYR B 61 9.76 9.04 -15.68
N CYS B 62 8.70 9.84 -15.81
CA CYS B 62 7.39 9.29 -16.12
C CYS B 62 6.63 9.88 -17.30
N SER B 63 7.32 10.58 -18.18
CA SER B 63 6.67 11.19 -19.35
C SER B 63 6.12 10.15 -20.31
N ASN B 64 6.63 8.93 -20.22
CA ASN B 64 6.21 7.84 -21.11
C ASN B 64 5.29 6.86 -20.41
N ASP B 65 4.61 7.31 -19.35
CA ASP B 65 3.75 6.42 -18.61
C ASP B 65 2.51 7.14 -18.09
N LEU B 66 1.46 6.37 -17.80
CA LEU B 66 0.23 6.95 -17.28
C LEU B 66 0.51 7.76 -16.03
N LEU B 67 1.50 7.34 -15.24
CA LEU B 67 1.82 8.07 -14.01
C LEU B 67 2.17 9.52 -14.30
N GLY B 68 2.87 9.74 -15.41
CA GLY B 68 3.25 11.09 -15.77
C GLY B 68 2.02 11.95 -15.98
N ASP B 69 1.00 11.37 -16.61
CA ASP B 69 -0.23 12.10 -16.85
C ASP B 69 -0.98 12.37 -15.54
N LEU B 70 -0.99 11.39 -14.66
CA LEU B 70 -1.67 11.52 -13.36
C LEU B 70 -1.01 12.56 -12.47
N PHE B 71 0.31 12.55 -12.46
CA PHE B 71 1.03 13.50 -11.63
C PHE B 71 1.17 14.86 -12.30
N GLY B 72 0.98 14.90 -13.61
CA GLY B 72 1.08 16.16 -14.33
C GLY B 72 2.49 16.70 -14.49
N VAL B 73 3.49 15.82 -14.38
CA VAL B 73 4.89 16.24 -14.53
C VAL B 73 5.67 15.17 -15.30
N PRO B 74 6.74 15.57 -16.01
CA PRO B 74 7.56 14.62 -16.77
C PRO B 74 8.53 13.84 -15.87
N SER B 75 8.83 14.42 -14.70
CA SER B 75 9.71 13.76 -13.75
C SER B 75 9.56 14.40 -12.37
N PHE B 76 10.18 13.78 -11.38
CA PHE B 76 10.16 14.26 -10.00
C PHE B 76 11.17 13.46 -9.18
N SER B 77 11.61 14.04 -8.07
CA SER B 77 12.60 13.41 -7.18
C SER B 77 11.92 12.54 -6.13
N VAL B 78 12.46 11.34 -5.90
CA VAL B 78 11.89 10.43 -4.93
C VAL B 78 12.17 10.88 -3.49
N LYS B 79 13.03 11.89 -3.35
CA LYS B 79 13.42 12.43 -2.04
C LYS B 79 12.54 13.59 -1.55
N GLU B 80 11.74 14.16 -2.45
CA GLU B 80 10.86 15.25 -2.10
C GLU B 80 9.46 14.69 -1.82
N HIS B 81 9.30 14.16 -0.62
CA HIS B 81 8.05 13.50 -0.23
C HIS B 81 6.79 14.35 -0.09
N ARG B 82 6.89 15.61 0.31
CA ARG B 82 5.68 16.41 0.43
C ARG B 82 5.11 16.76 -0.93
N LYS B 83 5.98 16.93 -1.92
CA LYS B 83 5.49 17.22 -3.26
C LYS B 83 4.83 15.98 -3.79
N ILE B 84 5.41 14.83 -3.49
CA ILE B 84 4.84 13.59 -3.94
C ILE B 84 3.44 13.44 -3.39
N TYR B 85 3.28 13.68 -2.09
CA TYR B 85 1.96 13.58 -1.50
C TYR B 85 1.00 14.55 -2.17
N THR B 86 1.46 15.75 -2.47
CA THR B 86 0.60 16.73 -3.12
C THR B 86 0.11 16.22 -4.48
N MET B 87 1.00 15.60 -5.25
CA MET B 87 0.62 15.06 -6.56
C MET B 87 -0.36 13.91 -6.43
N ILE B 88 -0.18 13.08 -5.41
CA ILE B 88 -1.08 11.97 -5.19
C ILE B 88 -2.46 12.48 -4.80
N TYR B 89 -2.52 13.44 -3.88
CA TYR B 89 -3.80 13.96 -3.44
C TYR B 89 -4.70 14.45 -4.59
N ARG B 90 -4.10 14.84 -5.70
CA ARG B 90 -4.94 15.34 -6.78
C ARG B 90 -5.64 14.17 -7.52
N ASN B 91 -5.25 12.94 -7.18
CA ASN B 91 -5.86 11.79 -7.80
C ASN B 91 -6.71 10.92 -6.87
N LEU B 92 -7.19 11.52 -5.79
CA LEU B 92 -8.00 10.77 -4.85
C LEU B 92 -8.96 11.66 -4.11
N VAL B 93 -9.83 11.02 -3.35
CA VAL B 93 -10.80 11.73 -2.54
C VAL B 93 -10.65 11.19 -1.13
N VAL B 94 -10.49 12.11 -0.17
CA VAL B 94 -10.31 11.71 1.22
C VAL B 94 -11.62 11.22 1.79
N VAL B 95 -11.54 10.14 2.56
CA VAL B 95 -12.72 9.58 3.20
C VAL B 95 -12.70 10.03 4.65
N SER C 2 15.43 30.04 11.73
CA SER C 2 16.58 30.30 12.70
C SER C 2 16.03 30.90 13.92
N GLN C 3 14.77 31.31 13.82
CA GLN C 3 13.98 31.95 14.86
C GLN C 3 13.21 30.98 15.68
N ILE C 4 13.03 29.81 15.09
CA ILE C 4 12.25 28.81 15.68
C ILE C 4 12.97 27.65 16.13
N PRO C 5 12.75 27.41 17.39
CA PRO C 5 13.46 26.25 17.93
C PRO C 5 12.79 25.00 17.38
N ALA C 6 13.56 23.88 17.28
CA ALA C 6 13.16 22.50 16.79
C ALA C 6 12.19 21.86 17.73
N SER C 7 12.16 22.33 18.97
CA SER C 7 11.22 21.71 19.87
C SER C 7 9.78 22.13 19.63
N GLU C 8 9.59 23.21 18.87
CA GLU C 8 8.26 23.73 18.59
C GLU C 8 7.37 22.73 17.87
N GLN C 9 7.95 21.93 16.98
CA GLN C 9 7.17 20.96 16.24
C GLN C 9 6.79 19.74 17.07
N GLU C 10 7.36 19.61 18.28
CA GLU C 10 7.00 18.44 19.13
C GLU C 10 5.90 18.79 20.07
N THR C 11 5.43 20.04 20.04
CA THR C 11 4.39 20.46 20.96
C THR C 11 3.07 19.74 20.66
N LEU C 12 2.44 19.22 21.70
CA LEU C 12 1.15 18.53 21.57
C LEU C 12 0.00 19.54 21.67
N VAL C 13 -0.88 19.51 20.68
CA VAL C 13 -1.98 20.46 20.65
C VAL C 13 -3.36 19.86 20.38
N ARG C 14 -4.40 20.59 20.78
CA ARG C 14 -5.77 20.18 20.56
C ARG C 14 -6.39 21.29 19.72
N PRO C 15 -6.52 21.06 18.40
CA PRO C 15 -7.09 22.07 17.50
C PRO C 15 -8.55 22.37 17.82
N LYS C 16 -8.93 23.62 17.66
CA LYS C 16 -10.31 24.03 17.89
C LYS C 16 -11.15 23.55 16.71
N PRO C 17 -12.49 23.54 16.87
CA PRO C 17 -13.43 23.10 15.86
C PRO C 17 -13.13 23.35 14.37
N LEU C 18 -13.01 24.59 13.96
CA LEU C 18 -12.83 24.91 12.60
C LEU C 18 -11.41 24.55 11.99
N LEU C 19 -10.38 24.55 12.82
CA LEU C 19 -9.09 24.12 12.32
C LEU C 19 -9.16 22.59 12.20
N LEU C 20 -9.77 21.95 13.19
CA LEU C 20 -9.90 20.50 13.19
C LEU C 20 -10.64 20.06 11.93
N LYS C 21 -11.71 20.79 11.62
CA LYS C 21 -12.52 20.51 10.45
C LYS C 21 -11.64 20.50 9.19
N LEU C 22 -10.80 21.53 9.05
CA LEU C 22 -9.88 21.65 7.91
C LEU C 22 -8.89 20.49 7.91
N LEU C 23 -8.30 20.19 9.06
CA LEU C 23 -7.33 19.11 9.17
C LEU C 23 -7.95 17.78 8.73
N LYS C 24 -9.17 17.54 9.17
CA LYS C 24 -9.88 16.31 8.81
C LYS C 24 -10.20 16.21 7.34
N SER C 25 -10.32 17.35 6.67
CA SER C 25 -10.66 17.37 5.23
C SER C 25 -9.53 16.84 4.36
N VAL C 26 -8.33 16.73 4.91
CA VAL C 26 -7.21 16.20 4.14
C VAL C 26 -6.68 14.92 4.74
N GLY C 27 -7.49 14.27 5.57
CA GLY C 27 -7.07 13.01 6.13
C GLY C 27 -6.91 12.84 7.63
N ALA C 28 -6.63 13.92 8.34
CA ALA C 28 -6.44 13.84 9.79
C ALA C 28 -7.60 13.05 10.40
N GLN C 29 -7.27 12.25 11.41
CA GLN C 29 -8.27 11.43 12.08
C GLN C 29 -8.35 11.68 13.58
N LYS C 30 -7.39 12.41 14.12
CA LYS C 30 -7.35 12.59 15.56
C LYS C 30 -7.87 13.91 16.13
N ASP C 31 -7.84 14.01 17.46
CA ASP C 31 -8.26 15.20 18.20
C ASP C 31 -7.07 15.92 18.83
N THR C 32 -5.99 15.18 19.10
CA THR C 32 -4.77 15.75 19.68
C THR C 32 -3.65 15.43 18.71
N TYR C 33 -2.80 16.42 18.44
CA TYR C 33 -1.70 16.24 17.49
C TYR C 33 -0.41 16.88 17.97
N THR C 34 0.67 16.60 17.23
CA THR C 34 1.95 17.24 17.51
C THR C 34 1.89 18.40 16.52
N MET C 35 2.67 19.44 16.74
CA MET C 35 2.66 20.57 15.82
C MET C 35 3.19 20.14 14.46
N LYS C 36 4.02 19.11 14.44
CA LYS C 36 4.56 18.64 13.18
C LYS C 36 3.44 18.14 12.29
N GLU C 37 2.50 17.41 12.88
CA GLU C 37 1.36 16.89 12.13
C GLU C 37 0.49 18.03 11.61
N VAL C 38 0.26 19.03 12.47
CA VAL C 38 -0.56 20.17 12.08
C VAL C 38 0.01 20.91 10.87
N LEU C 39 1.30 21.21 10.92
CA LEU C 39 1.93 21.92 9.81
C LEU C 39 1.81 21.11 8.53
N PHE C 40 2.02 19.80 8.64
CA PHE C 40 1.93 18.97 7.47
C PHE C 40 0.54 18.99 6.86
N TYR C 41 -0.48 18.68 7.66
CA TYR C 41 -1.85 18.67 7.15
C TYR C 41 -2.25 20.05 6.63
N LEU C 42 -1.80 21.10 7.30
CA LEU C 42 -2.12 22.46 6.86
C LEU C 42 -1.50 22.74 5.49
N GLY C 43 -0.27 22.30 5.32
CA GLY C 43 0.43 22.49 4.06
C GLY C 43 -0.26 21.75 2.92
N GLN C 44 -0.69 20.52 3.17
CA GLN C 44 -1.38 19.74 2.15
C GLN C 44 -2.73 20.39 1.82
N TYR C 45 -3.38 20.97 2.83
CA TYR C 45 -4.66 21.64 2.63
C TYR C 45 -4.48 22.81 1.66
N ILE C 46 -3.51 23.67 1.97
CA ILE C 46 -3.24 24.83 1.13
C ILE C 46 -2.99 24.43 -0.32
N MET C 47 -2.19 23.38 -0.53
CA MET C 47 -1.91 22.92 -1.89
C MET C 47 -3.15 22.43 -2.64
N THR C 48 -4.02 21.68 -1.95
CA THR C 48 -5.22 21.14 -2.63
C THR C 48 -6.26 22.22 -2.95
N LYS C 49 -6.33 23.24 -2.12
CA LYS C 49 -7.27 24.33 -2.35
C LYS C 49 -6.62 25.30 -3.34
N LEU C 51 -4.12 27.36 -3.01
CA LEU C 51 -3.94 28.68 -2.43
C LEU C 51 -2.48 29.12 -2.46
N TYR C 52 -1.60 28.18 -2.78
CA TYR C 52 -0.18 28.48 -2.81
C TYR C 52 0.49 27.96 -4.08
N ASP C 53 1.30 28.81 -4.71
CA ASP C 53 2.04 28.45 -5.92
C ASP C 53 3.48 28.89 -5.72
N GLU C 54 4.39 27.92 -5.64
CA GLU C 54 5.82 28.19 -5.47
C GLU C 54 6.30 29.32 -6.35
N LYS C 55 5.77 29.36 -7.57
CA LYS C 55 6.15 30.37 -8.55
C LYS C 55 5.47 31.71 -8.37
N GLN C 56 4.60 31.86 -7.38
CA GLN C 56 3.97 33.16 -7.21
C GLN C 56 4.65 33.84 -6.02
N GLN C 57 5.95 33.62 -5.96
CA GLN C 57 6.79 34.23 -5.00
C GLN C 57 6.48 34.01 -3.48
N HIS C 58 6.46 32.77 -3.04
CA HIS C 58 6.23 32.53 -1.63
C HIS C 58 5.03 33.10 -0.90
N ILE C 59 3.97 33.49 -1.59
CA ILE C 59 2.81 34.04 -0.88
C ILE C 59 1.57 33.16 -1.00
N VAL C 60 0.88 32.98 0.12
CA VAL C 60 -0.35 32.20 0.18
C VAL C 60 -1.54 33.17 0.14
N TYR C 61 -2.45 32.95 -0.80
CA TYR C 61 -3.63 33.80 -0.94
C TYR C 61 -4.83 33.06 -0.37
N CYS C 62 -5.37 33.55 0.74
CA CYS C 62 -6.48 32.86 1.39
C CYS C 62 -7.72 33.67 1.72
N SER C 63 -7.89 34.83 1.10
CA SER C 63 -9.06 35.65 1.39
C SER C 63 -10.41 34.98 1.11
N ASN C 64 -10.47 34.13 0.09
CA ASN C 64 -11.73 33.44 -0.25
C ASN C 64 -11.79 31.98 0.19
N ASP C 65 -11.10 31.68 1.29
CA ASP C 65 -11.07 30.33 1.85
C ASP C 65 -11.20 30.42 3.35
N LEU C 66 -11.66 29.34 3.96
CA LEU C 66 -11.84 29.27 5.40
C LEU C 66 -10.56 29.58 6.16
N LEU C 67 -9.44 29.20 5.56
CA LEU C 67 -8.11 29.41 6.13
C LEU C 67 -7.94 30.90 6.38
N GLY C 68 -8.48 31.68 5.47
CA GLY C 68 -8.41 33.12 5.59
C GLY C 68 -9.14 33.57 6.83
N ASP C 69 -10.28 32.96 7.11
CA ASP C 69 -11.06 33.32 8.28
C ASP C 69 -10.32 32.98 9.58
N LEU C 70 -9.78 31.76 9.64
CA LEU C 70 -9.03 31.23 10.79
C LEU C 70 -7.76 32.01 11.09
N PHE C 71 -7.03 32.38 10.05
CA PHE C 71 -5.79 33.12 10.22
C PHE C 71 -6.01 34.62 10.36
N GLY C 72 -7.16 35.11 9.90
CA GLY C 72 -7.46 36.52 10.01
C GLY C 72 -6.61 37.41 9.12
N VAL C 73 -6.25 36.91 7.95
CA VAL C 73 -5.43 37.67 7.00
C VAL C 73 -5.82 37.26 5.59
N PRO C 74 -5.66 38.16 4.60
CA PRO C 74 -5.99 37.84 3.22
C PRO C 74 -4.88 37.06 2.52
N SER C 75 -3.66 37.19 3.03
CA SER C 75 -2.50 36.49 2.48
C SER C 75 -1.35 36.50 3.48
N PHE C 76 -0.33 35.69 3.21
CA PHE C 76 0.83 35.62 4.09
C PHE C 76 1.99 34.87 3.44
N SER C 77 3.20 35.16 3.90
CA SER C 77 4.39 34.53 3.35
C SER C 77 4.71 33.19 3.99
N VAL C 78 5.02 32.20 3.15
CA VAL C 78 5.34 30.86 3.63
C VAL C 78 6.75 30.83 4.21
N LYS C 79 7.43 31.97 4.13
CA LYS C 79 8.81 32.11 4.61
C LYS C 79 8.88 32.77 5.99
N GLU C 80 7.80 33.41 6.41
CA GLU C 80 7.75 34.09 7.70
C GLU C 80 7.13 33.15 8.72
N HIS C 81 7.92 32.18 9.16
CA HIS C 81 7.47 31.16 10.09
C HIS C 81 6.94 31.56 11.45
N ARG C 82 7.51 32.61 12.03
CA ARG C 82 7.07 33.03 13.35
C ARG C 82 5.62 33.48 13.31
N LYS C 83 5.26 34.23 12.27
CA LYS C 83 3.90 34.72 12.11
C LYS C 83 2.95 33.55 11.92
N ILE C 84 3.38 32.57 11.14
CA ILE C 84 2.56 31.39 10.86
C ILE C 84 2.24 30.66 12.17
N TYR C 85 3.22 30.57 13.06
CA TYR C 85 2.99 29.90 14.33
C TYR C 85 2.04 30.70 15.20
N THR C 86 2.13 32.02 15.12
CA THR C 86 1.25 32.87 15.89
C THR C 86 -0.19 32.67 15.41
N MET C 87 -0.39 32.69 14.09
CA MET C 87 -1.74 32.53 13.54
C MET C 87 -2.33 31.16 13.86
N ILE C 88 -1.48 30.13 13.84
CA ILE C 88 -1.95 28.78 14.15
C ILE C 88 -2.37 28.61 15.61
N TYR C 89 -1.56 29.13 16.53
CA TYR C 89 -1.87 29.00 17.94
C TYR C 89 -3.18 29.62 18.38
N ARG C 90 -3.67 30.60 17.63
CA ARG C 90 -4.95 31.22 17.96
C ARG C 90 -6.06 30.21 17.65
N ASN C 91 -5.73 29.14 16.94
CA ASN C 91 -6.68 28.11 16.55
C ASN C 91 -6.51 26.75 17.23
N LEU C 92 -5.87 26.74 18.39
CA LEU C 92 -5.63 25.52 19.11
C LEU C 92 -5.31 25.82 20.57
N VAL C 93 -5.26 24.77 21.38
CA VAL C 93 -4.94 24.89 22.80
C VAL C 93 -3.86 23.84 23.10
N VAL C 94 -2.78 24.26 23.73
CA VAL C 94 -1.68 23.35 24.04
C VAL C 94 -2.05 22.29 25.08
N VAL C 95 -1.57 21.07 24.87
CA VAL C 95 -1.85 19.93 25.74
C VAL C 95 -0.61 19.44 26.56
N ASN C 96 -0.60 19.65 27.88
CA ASN C 96 0.55 19.15 28.66
C ASN C 96 -0.03 19.07 30.07
N GLN D 3 6.76 0.05 6.24
CA GLN D 3 6.43 0.69 4.93
C GLN D 3 5.50 -0.20 4.12
N ILE D 4 5.56 -1.49 4.36
CA ILE D 4 4.72 -2.43 3.64
C ILE D 4 3.45 -2.79 4.42
N PRO D 5 2.28 -2.56 3.82
CA PRO D 5 1.00 -2.85 4.47
C PRO D 5 0.75 -4.36 4.50
N ALA D 6 0.17 -4.86 5.59
CA ALA D 6 -0.11 -6.30 5.69
C ALA D 6 -1.19 -6.73 4.72
N SER D 7 -1.92 -5.77 4.16
CA SER D 7 -2.97 -6.11 3.20
C SER D 7 -2.34 -6.66 1.92
N GLU D 8 -1.07 -6.34 1.72
CA GLU D 8 -0.35 -6.78 0.53
C GLU D 8 -0.29 -8.30 0.41
N GLN D 9 -0.40 -9.02 1.52
CA GLN D 9 -0.37 -10.48 1.50
C GLN D 9 -1.59 -11.09 0.85
N GLU D 10 -2.65 -10.31 0.83
CA GLU D 10 -3.91 -10.78 0.29
C GLU D 10 -4.04 -10.58 -1.21
N THR D 11 -3.09 -9.91 -1.84
CA THR D 11 -3.15 -9.69 -3.29
C THR D 11 -3.19 -11.02 -4.04
N LEU D 12 -4.12 -11.15 -4.99
CA LEU D 12 -4.22 -12.37 -5.79
C LEU D 12 -3.33 -12.14 -7.01
N VAL D 13 -2.50 -13.12 -7.33
CA VAL D 13 -1.58 -12.99 -8.47
C VAL D 13 -1.45 -14.25 -9.31
N ARG D 14 -0.97 -14.09 -10.54
CA ARG D 14 -0.76 -15.24 -11.41
C ARG D 14 0.68 -15.29 -11.86
N PRO D 15 1.47 -16.19 -11.26
CA PRO D 15 2.88 -16.31 -11.62
C PRO D 15 3.06 -16.62 -13.09
N LYS D 16 4.12 -16.07 -13.66
CA LYS D 16 4.44 -16.31 -15.06
C LYS D 16 5.07 -17.72 -15.10
N PRO D 17 5.27 -18.29 -16.29
CA PRO D 17 5.86 -19.62 -16.44
C PRO D 17 7.04 -20.04 -15.53
N LEU D 18 8.13 -19.28 -15.57
CA LEU D 18 9.30 -19.61 -14.77
C LEU D 18 9.08 -19.69 -13.28
N LEU D 19 8.39 -18.71 -12.72
CA LEU D 19 8.11 -18.73 -11.30
C LEU D 19 7.17 -19.89 -10.98
N LEU D 20 6.23 -20.16 -11.87
CA LEU D 20 5.29 -21.25 -11.64
C LEU D 20 6.07 -22.56 -11.57
N LYS D 21 7.06 -22.69 -12.45
CA LYS D 21 7.89 -23.89 -12.49
C LYS D 21 8.54 -24.05 -11.13
N LEU D 22 9.05 -22.95 -10.57
CA LEU D 22 9.69 -23.00 -9.26
C LEU D 22 8.70 -23.36 -8.17
N LEU D 23 7.56 -22.68 -8.18
CA LEU D 23 6.53 -22.90 -7.17
C LEU D 23 6.03 -24.33 -7.13
N LYS D 24 5.74 -24.90 -8.29
CA LYS D 24 5.23 -26.26 -8.30
C LYS D 24 6.29 -27.30 -7.96
N SER D 25 7.53 -26.88 -7.79
CA SER D 25 8.51 -27.85 -7.40
C SER D 25 8.29 -28.05 -5.90
N VAL D 26 7.35 -27.28 -5.34
CA VAL D 26 7.01 -27.40 -3.92
C VAL D 26 5.53 -27.38 -3.55
N GLY D 27 4.65 -26.99 -4.45
CA GLY D 27 3.24 -26.95 -4.09
C GLY D 27 2.28 -27.17 -5.23
N ALA D 28 1.09 -27.61 -4.89
CA ALA D 28 0.10 -27.88 -5.91
C ALA D 28 0.02 -26.75 -6.94
N GLN D 29 -0.08 -27.09 -8.24
CA GLN D 29 -0.14 -26.04 -9.30
C GLN D 29 -1.50 -25.33 -9.26
N LYS D 30 -1.41 -24.01 -9.30
CA LYS D 30 -2.61 -23.21 -9.25
C LYS D 30 -2.54 -22.12 -10.31
N ASP D 31 -3.69 -21.71 -10.84
CA ASP D 31 -3.65 -20.65 -11.84
C ASP D 31 -3.35 -19.37 -11.10
N THR D 32 -4.04 -19.20 -9.98
CA THR D 32 -3.93 -17.99 -9.17
C THR D 32 -3.54 -18.25 -7.69
N TYR D 33 -2.70 -17.38 -7.12
CA TYR D 33 -2.28 -17.50 -5.71
C TYR D 33 -2.43 -16.17 -4.97
N THR D 34 -2.42 -16.22 -3.63
CA THR D 34 -2.44 -14.97 -2.87
C THR D 34 -0.94 -14.72 -2.72
N MET D 35 -0.56 -13.50 -2.38
CA MET D 35 0.84 -13.19 -2.21
C MET D 35 1.42 -13.87 -1.00
N LYS D 36 0.58 -14.22 -0.03
CA LYS D 36 1.12 -14.89 1.12
C LYS D 36 1.55 -16.28 0.66
N GLU D 37 0.72 -16.90 -0.17
CA GLU D 37 1.06 -18.24 -0.67
C GLU D 37 2.37 -18.22 -1.43
N VAL D 38 2.53 -17.23 -2.32
CA VAL D 38 3.77 -17.13 -3.11
C VAL D 38 4.97 -17.05 -2.21
N LEU D 39 4.90 -16.19 -1.19
CA LEU D 39 6.02 -16.00 -0.28
C LEU D 39 6.32 -17.27 0.50
N PHE D 40 5.30 -18.00 0.90
CA PHE D 40 5.52 -19.24 1.64
C PHE D 40 6.29 -20.25 0.79
N TYR D 41 5.84 -20.42 -0.45
CA TYR D 41 6.47 -21.37 -1.37
C TYR D 41 7.88 -20.93 -1.75
N LEU D 42 8.14 -19.62 -1.82
CA LEU D 42 9.48 -19.17 -2.18
C LEU D 42 10.42 -19.40 -1.00
N GLY D 43 9.89 -19.25 0.21
CA GLY D 43 10.69 -19.48 1.40
C GLY D 43 10.96 -20.97 1.52
N GLN D 44 9.94 -21.78 1.25
CA GLN D 44 10.06 -23.23 1.29
C GLN D 44 11.12 -23.67 0.29
N TYR D 45 11.07 -23.07 -0.90
CA TYR D 45 12.04 -23.38 -1.93
C TYR D 45 13.46 -22.97 -1.55
N ILE D 46 13.62 -21.78 -0.97
CA ILE D 46 14.93 -21.30 -0.54
C ILE D 46 15.41 -22.17 0.63
N MET D 47 14.47 -22.71 1.42
CA MET D 47 14.81 -23.56 2.55
C MET D 47 15.04 -25.00 2.18
N THR D 48 13.98 -25.65 1.73
CA THR D 48 14.07 -27.05 1.33
C THR D 48 15.31 -27.23 0.47
N LYS D 49 15.75 -26.15 -0.18
CA LYS D 49 16.92 -26.13 -1.06
C LYS D 49 18.21 -25.60 -0.38
N ARG D 50 18.03 -24.98 0.78
CA ARG D 50 19.07 -24.36 1.59
C ARG D 50 19.92 -23.33 0.86
N LEU D 51 19.28 -22.36 0.16
CA LEU D 51 20.18 -21.36 -0.44
C LEU D 51 20.34 -20.25 0.57
N TYR D 52 19.67 -20.39 1.72
CA TYR D 52 19.82 -19.43 2.81
C TYR D 52 20.10 -20.24 4.08
N ASP D 53 21.00 -19.73 4.91
CA ASP D 53 21.37 -20.38 6.16
C ASP D 53 21.38 -19.26 7.20
N GLU D 54 20.60 -19.41 8.26
CA GLU D 54 20.52 -18.42 9.34
C GLU D 54 21.89 -18.18 9.91
N LYS D 55 22.89 -18.71 9.22
CA LYS D 55 24.25 -18.60 9.67
C LYS D 55 25.11 -17.75 8.76
N GLN D 56 24.61 -17.41 7.59
CA GLN D 56 25.40 -16.62 6.70
C GLN D 56 24.88 -15.16 6.52
N GLN D 57 24.58 -14.54 7.64
CA GLN D 57 24.08 -13.17 7.72
C GLN D 57 22.96 -12.67 6.80
N HIS D 58 21.78 -13.27 6.89
CA HIS D 58 20.64 -12.79 6.11
C HIS D 58 20.75 -12.72 4.60
N ILE D 59 21.84 -13.20 4.03
CA ILE D 59 21.94 -13.14 2.58
C ILE D 59 21.61 -14.47 1.96
N VAL D 60 20.90 -14.43 0.84
CA VAL D 60 20.51 -15.62 0.08
C VAL D 60 21.37 -15.65 -1.19
N TYR D 61 22.19 -16.68 -1.35
CA TYR D 61 23.04 -16.80 -2.52
C TYR D 61 22.30 -17.62 -3.56
N CYS D 62 22.16 -17.07 -4.75
CA CYS D 62 21.40 -17.75 -5.79
C CYS D 62 21.99 -17.58 -7.17
N SER D 63 23.32 -17.46 -7.25
CA SER D 63 23.96 -17.27 -8.54
C SER D 63 24.04 -18.53 -9.36
N ASN D 64 23.58 -19.65 -8.81
CA ASN D 64 23.61 -20.96 -9.51
C ASN D 64 22.27 -21.58 -9.42
N ASP D 65 21.24 -20.81 -9.14
CA ASP D 65 19.94 -21.41 -8.96
C ASP D 65 18.90 -20.74 -9.83
N LEU D 66 17.77 -21.40 -10.02
CA LEU D 66 16.68 -20.88 -10.81
C LEU D 66 16.21 -19.54 -10.22
N LEU D 67 16.28 -19.46 -8.90
CA LEU D 67 15.81 -18.26 -8.21
C LEU D 67 16.63 -17.07 -8.67
N GLY D 68 17.92 -17.31 -8.88
CA GLY D 68 18.81 -16.26 -9.34
C GLY D 68 18.36 -15.67 -10.66
N ASP D 69 17.97 -16.52 -11.61
CA ASP D 69 17.54 -16.02 -12.92
C ASP D 69 16.20 -15.30 -12.80
N LEU D 70 15.30 -15.83 -11.98
CA LEU D 70 14.01 -15.20 -11.85
C LEU D 70 14.13 -13.78 -11.25
N PHE D 71 14.96 -13.62 -10.22
CA PHE D 71 15.15 -12.31 -9.60
C PHE D 71 16.16 -11.41 -10.29
N GLY D 72 17.07 -11.99 -11.08
CA GLY D 72 18.06 -11.19 -11.76
C GLY D 72 19.19 -10.66 -10.90
N VAL D 73 19.56 -11.39 -9.87
CA VAL D 73 20.65 -11.02 -8.96
C VAL D 73 21.40 -12.27 -8.48
N PRO D 74 22.67 -12.14 -8.05
CA PRO D 74 23.40 -13.33 -7.58
C PRO D 74 23.09 -13.56 -6.10
N SER D 75 22.54 -12.53 -5.46
CA SER D 75 22.17 -12.62 -4.06
C SER D 75 21.34 -11.43 -3.63
N PHE D 76 20.72 -11.56 -2.46
CA PHE D 76 19.91 -10.50 -1.89
C PHE D 76 19.68 -10.71 -0.38
N SER D 77 19.26 -9.65 0.30
CA SER D 77 19.02 -9.69 1.75
C SER D 77 17.57 -10.02 2.11
N VAL D 78 17.41 -10.97 3.05
CA VAL D 78 16.11 -11.36 3.53
C VAL D 78 15.45 -10.28 4.34
N LYS D 79 16.21 -9.23 4.61
CA LYS D 79 15.70 -8.09 5.37
C LYS D 79 15.22 -6.91 4.51
N GLU D 80 15.53 -6.87 3.22
CA GLU D 80 15.05 -5.75 2.41
C GLU D 80 13.85 -6.22 1.60
N HIS D 81 12.72 -6.18 2.28
CA HIS D 81 11.45 -6.62 1.74
C HIS D 81 10.90 -5.86 0.54
N ARG D 82 11.09 -4.56 0.50
CA ARG D 82 10.59 -3.82 -0.65
C ARG D 82 11.33 -4.28 -1.90
N LYS D 83 12.63 -4.50 -1.78
CA LYS D 83 13.41 -4.98 -2.91
C LYS D 83 12.96 -6.39 -3.28
N ILE D 84 12.60 -7.19 -2.29
CA ILE D 84 12.16 -8.54 -2.59
C ILE D 84 10.84 -8.50 -3.37
N TYR D 85 9.94 -7.61 -2.97
CA TYR D 85 8.67 -7.51 -3.70
C TYR D 85 8.90 -7.10 -5.14
N THR D 86 9.87 -6.23 -5.36
CA THR D 86 10.16 -5.79 -6.71
C THR D 86 10.63 -6.95 -7.59
N MET D 87 11.47 -7.81 -7.03
CA MET D 87 11.96 -8.96 -7.79
C MET D 87 10.80 -9.93 -8.05
N ILE D 88 9.86 -10.02 -7.11
CA ILE D 88 8.73 -10.92 -7.29
C ILE D 88 7.74 -10.42 -8.33
N TYR D 89 7.44 -9.13 -8.33
CA TYR D 89 6.50 -8.57 -9.30
C TYR D 89 6.97 -8.72 -10.74
N ARG D 90 8.27 -8.88 -10.94
CA ARG D 90 8.79 -9.05 -12.27
C ARG D 90 8.31 -10.37 -12.86
N ASN D 91 7.93 -11.27 -11.96
CA ASN D 91 7.53 -12.61 -12.34
C ASN D 91 6.06 -12.98 -12.22
N LEU D 92 5.21 -11.98 -12.15
CA LEU D 92 3.78 -12.25 -12.02
C LEU D 92 2.92 -11.14 -12.59
N VAL D 93 1.61 -11.39 -12.59
CA VAL D 93 0.59 -10.45 -13.03
C VAL D 93 -0.46 -10.44 -11.93
N VAL D 94 -0.94 -9.26 -11.56
CA VAL D 94 -1.94 -9.15 -10.50
C VAL D 94 -3.34 -9.42 -11.03
N VAL D 95 -4.13 -10.18 -10.28
CA VAL D 95 -5.47 -10.52 -10.72
C VAL D 95 -6.57 -9.70 -10.07
N ASN D 96 -7.37 -9.01 -10.88
CA ASN D 96 -8.47 -8.23 -10.34
C ASN D 96 -9.76 -8.43 -11.13
N SER E 2 -15.73 -32.00 9.09
CA SER E 2 -16.45 -30.99 8.27
C SER E 2 -17.38 -31.55 7.28
N GLN E 3 -17.88 -30.65 6.46
CA GLN E 3 -18.73 -31.08 5.40
C GLN E 3 -18.34 -30.57 4.02
N ILE E 4 -17.59 -29.49 4.00
CA ILE E 4 -17.13 -28.85 2.76
C ILE E 4 -15.61 -28.93 2.68
N PRO E 5 -15.08 -29.51 1.59
CA PRO E 5 -13.63 -29.67 1.38
C PRO E 5 -12.89 -28.34 1.28
N ALA E 6 -11.67 -28.29 1.78
CA ALA E 6 -10.87 -27.08 1.75
C ALA E 6 -10.70 -26.50 0.35
N SER E 7 -10.55 -27.37 -0.64
CA SER E 7 -10.39 -26.91 -2.02
C SER E 7 -11.61 -26.12 -2.51
N GLU E 8 -12.78 -26.42 -1.94
CA GLU E 8 -13.99 -25.70 -2.35
C GLU E 8 -14.04 -24.36 -1.61
N GLN E 9 -13.60 -24.39 -0.36
CA GLN E 9 -13.58 -23.21 0.49
C GLN E 9 -12.66 -22.13 -0.06
N GLU E 10 -11.65 -22.54 -0.81
CA GLU E 10 -10.70 -21.58 -1.36
C GLU E 10 -11.08 -21.03 -2.74
N THR E 11 -12.25 -21.45 -3.26
CA THR E 11 -12.70 -20.98 -4.56
C THR E 11 -12.80 -19.44 -4.58
N LEU E 12 -12.24 -18.81 -5.61
CA LEU E 12 -12.30 -17.34 -5.72
C LEU E 12 -13.62 -16.96 -6.36
N VAL E 13 -14.32 -16.03 -5.71
CA VAL E 13 -15.65 -15.63 -6.16
C VAL E 13 -15.87 -14.11 -6.15
N ARG E 14 -16.83 -13.66 -6.96
CA ARG E 14 -17.20 -12.24 -7.03
C ARG E 14 -18.69 -12.13 -6.72
N PRO E 15 -19.04 -11.74 -5.49
CA PRO E 15 -20.44 -11.59 -5.08
C PRO E 15 -21.29 -10.65 -5.92
N LYS E 16 -22.52 -11.02 -6.17
CA LYS E 16 -23.41 -10.15 -6.92
C LYS E 16 -23.91 -9.03 -5.99
N PRO E 17 -24.48 -7.95 -6.55
CA PRO E 17 -24.98 -6.81 -5.80
C PRO E 17 -25.50 -7.01 -4.37
N LEU E 18 -26.61 -7.74 -4.22
CA LEU E 18 -27.19 -7.98 -2.90
C LEU E 18 -26.25 -8.72 -1.93
N LEU E 19 -25.50 -9.71 -2.41
CA LEU E 19 -24.60 -10.42 -1.50
C LEU E 19 -23.49 -9.46 -1.06
N LEU E 20 -22.99 -8.66 -2.00
CA LEU E 20 -21.91 -7.70 -1.71
C LEU E 20 -22.40 -6.70 -0.67
N LYS E 21 -23.59 -6.15 -0.87
CA LYS E 21 -24.14 -5.17 0.06
C LYS E 21 -24.10 -5.72 1.48
N LEU E 22 -24.60 -6.94 1.66
CA LEU E 22 -24.61 -7.56 2.97
C LEU E 22 -23.20 -7.73 3.57
N LEU E 23 -22.23 -8.11 2.73
CA LEU E 23 -20.84 -8.30 3.17
C LEU E 23 -20.21 -6.96 3.58
N LYS E 24 -20.54 -5.90 2.84
CA LYS E 24 -20.01 -4.57 3.13
C LYS E 24 -20.59 -4.04 4.43
N SER E 25 -21.83 -4.43 4.75
CA SER E 25 -22.43 -3.95 5.98
C SER E 25 -21.70 -4.44 7.24
N VAL E 26 -20.78 -5.39 7.08
CA VAL E 26 -19.98 -5.89 8.20
C VAL E 26 -18.53 -5.55 7.94
N GLY E 27 -18.30 -4.63 7.01
CA GLY E 27 -16.94 -4.19 6.73
C GLY E 27 -16.19 -4.69 5.50
N ALA E 28 -16.69 -5.70 4.81
CA ALA E 28 -15.98 -6.17 3.62
C ALA E 28 -15.74 -4.94 2.74
N GLN E 29 -14.55 -4.88 2.13
CA GLN E 29 -14.12 -3.76 1.25
C GLN E 29 -13.81 -4.20 -0.17
N LYS E 30 -13.86 -5.49 -0.41
CA LYS E 30 -13.45 -6.01 -1.70
C LYS E 30 -14.49 -6.45 -2.70
N ASP E 31 -14.00 -6.71 -3.90
CA ASP E 31 -14.80 -7.15 -4.98
C ASP E 31 -14.72 -8.69 -5.18
N THR E 32 -13.60 -9.27 -4.78
CA THR E 32 -13.37 -10.70 -4.89
C THR E 32 -13.06 -11.30 -3.53
N TYR E 33 -13.53 -12.52 -3.31
CA TYR E 33 -13.32 -13.20 -2.03
C TYR E 33 -13.15 -14.69 -2.23
N THR E 34 -12.82 -15.40 -1.16
CA THR E 34 -12.73 -16.85 -1.20
C THR E 34 -14.07 -17.22 -0.55
N MET E 35 -14.56 -18.43 -0.76
CA MET E 35 -15.82 -18.84 -0.14
C MET E 35 -15.73 -18.77 1.38
N LYS E 36 -14.58 -19.20 1.92
CA LYS E 36 -14.32 -19.19 3.37
C LYS E 36 -14.50 -17.78 3.90
N GLU E 37 -14.00 -16.79 3.17
CA GLU E 37 -14.15 -15.38 3.55
C GLU E 37 -15.64 -15.03 3.57
N VAL E 38 -16.31 -15.32 2.47
CA VAL E 38 -17.73 -15.02 2.38
C VAL E 38 -18.46 -15.58 3.59
N LEU E 39 -18.23 -16.84 3.92
CA LEU E 39 -18.91 -17.44 5.06
C LEU E 39 -18.59 -16.75 6.38
N PHE E 40 -17.35 -16.33 6.55
CA PHE E 40 -17.00 -15.64 7.78
C PHE E 40 -17.86 -14.37 7.91
N TYR E 41 -17.84 -13.54 6.89
CA TYR E 41 -18.59 -12.29 6.92
C TYR E 41 -20.10 -12.50 7.01
N LEU E 42 -20.64 -13.48 6.29
CA LEU E 42 -22.07 -13.74 6.38
C LEU E 42 -22.39 -14.17 7.80
N GLY E 43 -21.49 -14.95 8.39
CA GLY E 43 -21.70 -15.42 9.76
C GLY E 43 -21.81 -14.25 10.72
N GLN E 44 -20.95 -13.24 10.54
CA GLN E 44 -20.95 -12.06 11.39
C GLN E 44 -22.17 -11.21 11.10
N TYR E 45 -22.52 -11.08 9.82
CA TYR E 45 -23.70 -10.30 9.42
C TYR E 45 -24.93 -10.88 10.13
N ILE E 46 -25.10 -12.19 10.04
CA ILE E 46 -26.22 -12.84 10.69
C ILE E 46 -26.26 -12.57 12.20
N MET E 47 -25.11 -12.60 12.86
CA MET E 47 -25.05 -12.35 14.30
C MET E 47 -25.39 -10.89 14.62
N THR E 48 -24.98 -9.97 13.76
CA THR E 48 -25.25 -8.56 14.01
C THR E 48 -26.70 -8.18 13.88
N LYS E 49 -27.43 -8.89 13.02
CA LYS E 49 -28.84 -8.62 12.82
C LYS E 49 -29.61 -9.48 13.79
N ARG E 50 -28.89 -10.19 14.66
CA ARG E 50 -29.50 -11.05 15.66
C ARG E 50 -30.47 -12.06 15.04
N LEU E 51 -30.14 -12.58 13.86
CA LEU E 51 -31.01 -13.56 13.18
C LEU E 51 -30.77 -14.96 13.73
N TYR E 52 -29.73 -15.09 14.55
CA TYR E 52 -29.41 -16.39 15.10
C TYR E 52 -28.75 -16.29 16.47
N ASP E 53 -28.88 -17.37 17.23
CA ASP E 53 -28.23 -17.50 18.52
C ASP E 53 -28.56 -18.84 19.09
N GLU E 54 -27.82 -19.22 20.13
CA GLU E 54 -27.93 -20.50 20.79
C GLU E 54 -29.30 -21.02 21.25
N LYS E 55 -30.29 -20.15 21.31
CA LYS E 55 -31.62 -20.55 21.78
C LYS E 55 -32.50 -21.02 20.65
N GLN E 56 -31.99 -20.99 19.43
CA GLN E 56 -32.81 -21.31 18.28
C GLN E 56 -32.70 -22.65 17.58
N GLN E 57 -32.19 -23.65 18.29
CA GLN E 57 -32.21 -24.96 17.75
C GLN E 57 -31.48 -25.10 16.37
N HIS E 58 -30.41 -24.33 16.20
CA HIS E 58 -29.61 -24.33 14.97
C HIS E 58 -30.26 -23.72 13.74
N ILE E 59 -31.39 -23.04 13.92
CA ILE E 59 -32.06 -22.46 12.78
C ILE E 59 -31.98 -20.93 12.70
N VAL E 60 -31.70 -20.43 11.50
CA VAL E 60 -31.63 -18.99 11.27
C VAL E 60 -32.97 -18.54 10.71
N TYR E 61 -33.54 -17.48 11.26
CA TYR E 61 -34.82 -16.95 10.76
C TYR E 61 -34.55 -15.65 10.04
N CYS E 62 -34.60 -15.72 8.72
CA CYS E 62 -34.29 -14.58 7.86
C CYS E 62 -35.47 -14.04 7.05
N SER E 63 -36.69 -14.40 7.43
CA SER E 63 -37.86 -13.95 6.69
C SER E 63 -38.07 -12.42 6.68
N ASN E 64 -37.62 -11.71 7.69
CA ASN E 64 -37.82 -10.25 7.69
C ASN E 64 -36.52 -9.51 7.32
N ASP E 65 -35.57 -10.22 6.72
CA ASP E 65 -34.28 -9.63 6.38
C ASP E 65 -33.87 -9.79 4.92
N LEU E 66 -32.95 -8.95 4.49
CA LEU E 66 -32.43 -9.02 3.12
C LEU E 66 -31.85 -10.41 2.86
N LEU E 67 -31.35 -11.05 3.90
CA LEU E 67 -30.78 -12.38 3.74
C LEU E 67 -31.84 -13.37 3.26
N GLY E 68 -33.07 -13.18 3.70
CA GLY E 68 -34.13 -14.08 3.28
C GLY E 68 -34.36 -13.88 1.80
N ASP E 69 -34.16 -12.65 1.33
CA ASP E 69 -34.35 -12.33 -0.07
C ASP E 69 -33.22 -12.91 -0.91
N LEU E 70 -32.02 -12.84 -0.36
CA LEU E 70 -30.86 -13.38 -1.04
C LEU E 70 -30.97 -14.88 -1.24
N PHE E 71 -31.24 -15.61 -0.16
CA PHE E 71 -31.34 -17.06 -0.22
C PHE E 71 -32.69 -17.58 -0.70
N GLY E 72 -33.72 -16.75 -0.53
CA GLY E 72 -35.05 -17.13 -0.96
C GLY E 72 -35.73 -18.17 -0.09
N VAL E 73 -35.43 -18.13 1.19
CA VAL E 73 -36.04 -19.06 2.14
C VAL E 73 -36.34 -18.25 3.38
N PRO E 74 -37.31 -18.72 4.19
CA PRO E 74 -37.59 -17.94 5.39
C PRO E 74 -36.64 -18.34 6.53
N SER E 75 -36.07 -19.54 6.44
CA SER E 75 -35.14 -20.02 7.46
C SER E 75 -34.29 -21.18 6.94
N PHE E 76 -33.22 -21.49 7.67
CA PHE E 76 -32.35 -22.60 7.32
C PHE E 76 -31.50 -23.01 8.51
N SER E 77 -30.88 -24.19 8.42
CA SER E 77 -30.05 -24.71 9.51
C SER E 77 -28.60 -24.35 9.32
N VAL E 78 -27.97 -23.93 10.41
CA VAL E 78 -26.56 -23.56 10.38
C VAL E 78 -25.68 -24.81 10.26
N LYS E 79 -26.29 -25.99 10.39
CA LYS E 79 -25.55 -27.26 10.30
C LYS E 79 -25.57 -27.90 8.91
N GLU E 80 -26.52 -27.47 8.07
CA GLU E 80 -26.62 -28.03 6.72
C GLU E 80 -25.73 -27.18 5.82
N HIS E 81 -24.43 -27.47 5.89
CA HIS E 81 -23.42 -26.74 5.12
C HIS E 81 -23.53 -26.81 3.61
N ARG E 82 -23.85 -27.97 3.07
CA ARG E 82 -23.99 -28.07 1.62
C ARG E 82 -25.16 -27.22 1.15
N LYS E 83 -26.27 -27.23 1.91
CA LYS E 83 -27.40 -26.43 1.50
C LYS E 83 -27.03 -24.96 1.50
N ILE E 84 -26.21 -24.55 2.49
CA ILE E 84 -25.76 -23.16 2.61
C ILE E 84 -24.92 -22.71 1.41
N TYR E 85 -23.94 -23.54 1.04
CA TYR E 85 -23.08 -23.25 -0.09
C TYR E 85 -23.90 -23.10 -1.36
N THR E 86 -24.84 -24.01 -1.55
CA THR E 86 -25.70 -23.98 -2.73
C THR E 86 -26.44 -22.65 -2.84
N MET E 87 -26.96 -22.15 -1.72
CA MET E 87 -27.68 -20.88 -1.74
C MET E 87 -26.73 -19.71 -2.07
N ILE E 88 -25.49 -19.79 -1.57
CA ILE E 88 -24.51 -18.72 -1.80
C ILE E 88 -24.04 -18.68 -3.26
N TYR E 89 -23.72 -19.84 -3.81
CA TYR E 89 -23.26 -19.91 -5.18
C TYR E 89 -24.22 -19.25 -6.17
N ARG E 90 -25.51 -19.22 -5.82
CA ARG E 90 -26.51 -18.61 -6.69
C ARG E 90 -26.47 -17.10 -6.65
N ASN E 91 -25.62 -16.55 -5.80
CA ASN E 91 -25.54 -15.11 -5.67
C ASN E 91 -24.15 -14.59 -5.92
N LEU E 92 -23.41 -15.28 -6.79
CA LEU E 92 -22.05 -14.88 -7.10
C LEU E 92 -21.58 -15.49 -8.41
N VAL E 93 -20.44 -15.01 -8.92
CA VAL E 93 -19.86 -15.58 -10.13
C VAL E 93 -18.42 -15.96 -9.80
N VAL E 94 -17.95 -17.07 -10.34
CA VAL E 94 -16.58 -17.44 -10.04
C VAL E 94 -15.59 -16.62 -10.85
N VAL E 95 -14.41 -16.42 -10.28
CA VAL E 95 -13.34 -15.69 -10.93
C VAL E 95 -12.59 -16.68 -11.80
N SER F 2 1.55 -6.86 11.25
CA SER F 2 1.49 -8.04 12.16
C SER F 2 0.25 -7.84 13.03
N GLN F 3 0.43 -7.99 14.32
CA GLN F 3 -0.70 -7.85 15.20
C GLN F 3 -0.75 -6.45 15.77
N ILE F 4 0.41 -5.81 15.75
CA ILE F 4 0.52 -4.46 16.26
C ILE F 4 0.42 -3.43 15.15
N PRO F 5 -0.52 -2.48 15.29
CA PRO F 5 -0.69 -1.45 14.26
C PRO F 5 0.35 -0.34 14.44
N ALA F 6 0.78 0.28 13.35
CA ALA F 6 1.78 1.35 13.45
C ALA F 6 1.21 2.58 14.16
N SER F 7 -0.10 2.61 14.34
CA SER F 7 -0.74 3.74 15.01
C SER F 7 -0.34 3.78 16.49
N GLU F 8 -0.08 2.61 17.06
CA GLU F 8 0.31 2.52 18.47
C GLU F 8 1.51 3.39 18.85
N GLN F 9 2.46 3.56 17.94
CA GLN F 9 3.65 4.37 18.28
C GLN F 9 3.38 5.87 18.26
N GLU F 10 2.17 6.25 17.85
CA GLU F 10 1.77 7.65 17.78
C GLU F 10 0.91 8.03 18.99
N THR F 11 0.56 7.04 19.81
CA THR F 11 -0.25 7.26 21.01
C THR F 11 0.50 8.24 21.92
N LEU F 12 -0.20 9.26 22.43
CA LEU F 12 0.42 10.24 23.33
C LEU F 12 0.26 9.74 24.77
N VAL F 13 1.34 9.84 25.54
CA VAL F 13 1.31 9.32 26.90
C VAL F 13 1.99 10.19 27.95
N ARG F 14 1.57 9.99 29.20
CA ARG F 14 2.16 10.73 30.31
C ARG F 14 2.74 9.71 31.28
N PRO F 15 4.06 9.54 31.26
CA PRO F 15 4.72 8.59 32.16
C PRO F 15 4.45 8.89 33.62
N LYS F 16 4.34 7.83 34.42
CA LYS F 16 4.14 8.03 35.85
C LYS F 16 5.51 8.49 36.35
N PRO F 17 5.58 8.99 37.58
CA PRO F 17 6.82 9.50 38.19
C PRO F 17 8.11 8.70 38.05
N LEU F 18 8.07 7.42 38.38
CA LEU F 18 9.27 6.61 38.27
C LEU F 18 9.76 6.42 36.84
N LEU F 19 8.86 6.14 35.91
CA LEU F 19 9.27 5.98 34.52
C LEU F 19 9.83 7.30 34.01
N LEU F 20 9.16 8.40 34.33
CA LEU F 20 9.60 9.73 33.89
C LEU F 20 11.02 9.99 34.36
N LYS F 21 11.30 9.66 35.61
CA LYS F 21 12.62 9.86 36.16
C LYS F 21 13.64 9.02 35.39
N LEU F 22 13.22 7.82 34.98
CA LEU F 22 14.11 6.96 34.23
C LEU F 22 14.35 7.53 32.85
N LEU F 23 13.29 8.05 32.23
CA LEU F 23 13.42 8.63 30.91
C LEU F 23 14.35 9.85 30.94
N LYS F 24 14.18 10.72 31.93
CA LYS F 24 15.05 11.89 31.99
C LYS F 24 16.51 11.53 32.29
N SER F 25 16.71 10.41 32.98
CA SER F 25 18.06 10.00 33.29
C SER F 25 18.83 9.58 32.04
N VAL F 26 18.14 9.51 30.91
CA VAL F 26 18.78 9.14 29.64
C VAL F 26 18.58 10.22 28.57
N GLY F 27 18.36 11.47 29.01
CA GLY F 27 18.23 12.58 28.06
C GLY F 27 16.90 13.19 27.68
N ALA F 28 15.80 12.57 28.13
CA ALA F 28 14.43 13.02 27.87
C ALA F 28 14.21 14.34 28.60
N GLN F 29 13.47 15.26 28.03
CA GLN F 29 13.26 16.57 28.65
C GLN F 29 11.79 17.02 28.69
N LYS F 30 10.86 16.09 28.47
CA LYS F 30 9.42 16.42 28.47
C LYS F 30 8.63 15.64 29.53
N ASP F 31 7.35 16.02 29.65
CA ASP F 31 6.44 15.36 30.57
C ASP F 31 5.40 14.53 29.81
N THR F 32 5.19 14.87 28.54
CA THR F 32 4.27 14.08 27.70
C THR F 32 5.04 13.68 26.46
N TYR F 33 4.82 12.45 26.02
CA TYR F 33 5.54 11.93 24.87
C TYR F 33 4.63 11.15 23.94
N THR F 34 5.22 10.70 22.85
CA THR F 34 4.57 9.84 21.87
C THR F 34 5.14 8.50 22.31
N MET F 35 4.39 7.43 22.10
CA MET F 35 4.86 6.10 22.49
C MET F 35 6.19 5.82 21.81
N LYS F 36 6.35 6.27 20.56
CA LYS F 36 7.58 6.05 19.82
C LYS F 36 8.76 6.58 20.63
N GLU F 37 8.64 7.79 21.17
CA GLU F 37 9.71 8.38 21.97
C GLU F 37 9.97 7.60 23.25
N VAL F 38 8.90 7.19 23.93
CA VAL F 38 9.06 6.43 25.18
C VAL F 38 9.80 5.15 24.87
N LEU F 39 9.52 4.55 23.71
CA LEU F 39 10.19 3.32 23.34
C LEU F 39 11.67 3.54 23.09
N PHE F 40 11.99 4.66 22.44
CA PHE F 40 13.37 4.95 22.16
C PHE F 40 14.17 5.16 23.45
N TYR F 41 13.65 5.97 24.36
CA TYR F 41 14.35 6.23 25.62
C TYR F 41 14.53 4.98 26.49
N LEU F 42 13.48 4.17 26.59
CA LEU F 42 13.57 2.95 27.37
C LEU F 42 14.67 2.10 26.76
N GLY F 43 14.67 2.06 25.43
CA GLY F 43 15.65 1.29 24.70
C GLY F 43 17.06 1.78 24.95
N GLN F 44 17.23 3.11 24.93
CA GLN F 44 18.52 3.72 25.16
C GLN F 44 18.95 3.43 26.60
N TYR F 45 17.97 3.36 27.50
CA TYR F 45 18.25 3.08 28.89
C TYR F 45 18.77 1.65 29.01
N ILE F 46 18.06 0.72 28.40
CA ILE F 46 18.45 -0.68 28.45
C ILE F 46 19.87 -0.86 27.93
N MET F 47 20.17 -0.24 26.79
CA MET F 47 21.51 -0.35 26.22
C MET F 47 22.57 0.30 27.13
N THR F 48 22.38 1.58 27.44
CA THR F 48 23.32 2.33 28.28
C THR F 48 23.65 1.68 29.63
N LYS F 49 22.70 0.95 30.20
CA LYS F 49 22.94 0.30 31.48
C LYS F 49 23.43 -1.12 31.22
N ARG F 50 23.59 -1.48 29.96
CA ARG F 50 24.10 -2.82 29.61
C ARG F 50 23.24 -3.96 30.14
N LEU F 51 21.94 -3.85 29.98
CA LEU F 51 21.01 -4.88 30.41
C LEU F 51 20.72 -5.73 29.20
N TYR F 52 21.15 -5.24 28.05
CA TYR F 52 20.95 -5.92 26.78
C TYR F 52 22.15 -5.87 25.84
N ASP F 53 22.38 -6.99 25.16
CA ASP F 53 23.48 -7.19 24.19
C ASP F 53 22.89 -7.96 22.98
N GLU F 54 23.02 -7.36 21.79
CA GLU F 54 22.44 -7.94 20.57
C GLU F 54 23.00 -9.31 20.09
N LYS F 55 23.34 -10.15 21.06
CA LYS F 55 23.86 -11.41 20.71
C LYS F 55 23.74 -12.21 22.08
N GLN F 56 22.62 -11.94 22.71
CA GLN F 56 22.33 -12.67 23.89
C GLN F 56 20.97 -13.18 23.73
N GLN F 57 20.76 -13.45 22.44
CA GLN F 57 19.59 -14.05 21.86
C GLN F 57 18.31 -13.37 22.21
N HIS F 58 18.35 -12.05 22.22
CA HIS F 58 17.15 -11.25 22.43
C HIS F 58 16.58 -11.10 23.84
N ILE F 59 17.30 -11.54 24.87
CA ILE F 59 16.79 -11.38 26.22
C ILE F 59 17.40 -10.20 26.97
N VAL F 60 16.55 -9.48 27.72
CA VAL F 60 17.01 -8.36 28.51
C VAL F 60 16.91 -8.84 29.94
N TYR F 61 17.95 -8.64 30.72
CA TYR F 61 17.94 -9.08 32.11
C TYR F 61 17.90 -7.87 33.02
N CYS F 62 16.83 -7.80 33.81
CA CYS F 62 16.61 -6.67 34.72
C CYS F 62 16.12 -7.03 36.12
N SER F 63 16.54 -8.18 36.65
CA SER F 63 16.11 -8.56 38.00
C SER F 63 16.75 -7.62 39.02
N ASN F 64 17.91 -7.09 38.70
CA ASN F 64 18.49 -6.24 39.71
C ASN F 64 18.45 -4.70 39.43
N ASP F 65 17.77 -4.31 38.35
CA ASP F 65 17.60 -2.92 37.98
C ASP F 65 16.19 -2.34 38.19
N LEU F 66 16.15 -1.01 38.28
CA LEU F 66 14.90 -0.30 38.43
C LEU F 66 13.93 -0.80 37.35
N LEU F 67 14.47 -1.01 36.15
CA LEU F 67 13.65 -1.47 35.02
C LEU F 67 12.89 -2.72 35.43
N GLY F 68 13.54 -3.58 36.21
CA GLY F 68 12.89 -4.79 36.64
C GLY F 68 11.76 -4.44 37.58
N ASP F 69 11.99 -3.41 38.40
CA ASP F 69 10.98 -2.96 39.33
C ASP F 69 9.77 -2.43 38.53
N LEU F 70 10.06 -1.66 37.48
CA LEU F 70 9.04 -1.07 36.62
C LEU F 70 8.19 -2.06 35.78
N PHE F 71 8.84 -3.03 35.15
CA PHE F 71 8.12 -3.99 34.31
C PHE F 71 7.49 -5.13 35.10
N GLY F 72 7.96 -5.34 36.32
CA GLY F 72 7.41 -6.39 37.15
C GLY F 72 7.91 -7.76 36.74
N VAL F 73 9.14 -7.81 36.27
CA VAL F 73 9.76 -9.07 35.83
C VAL F 73 11.28 -9.02 35.97
N PRO F 74 11.93 -10.19 35.92
CA PRO F 74 13.38 -10.39 36.03
C PRO F 74 14.08 -10.36 34.67
N SER F 75 13.32 -10.65 33.61
CA SER F 75 13.84 -10.67 32.23
C SER F 75 12.68 -10.73 31.23
N PHE F 76 12.97 -10.42 29.96
CA PHE F 76 11.95 -10.45 28.91
C PHE F 76 12.61 -10.35 27.53
N SER F 77 11.89 -10.84 26.53
CA SER F 77 12.38 -10.85 25.14
C SER F 77 12.12 -9.56 24.37
N VAL F 78 13.16 -9.02 23.72
CA VAL F 78 12.99 -7.81 22.94
C VAL F 78 12.15 -8.12 21.72
N LYS F 79 11.93 -9.41 21.44
CA LYS F 79 11.14 -9.71 20.25
C LYS F 79 9.64 -9.92 20.53
N GLU F 80 9.24 -9.96 21.80
CA GLU F 80 7.83 -10.09 22.16
C GLU F 80 7.20 -8.74 22.52
N HIS F 81 6.91 -7.97 21.46
CA HIS F 81 6.35 -6.61 21.55
C HIS F 81 5.03 -6.39 22.24
N ARG F 82 4.05 -7.26 22.03
CA ARG F 82 2.77 -7.09 22.71
C ARG F 82 3.01 -7.19 24.22
N LYS F 83 3.89 -8.10 24.62
CA LYS F 83 4.19 -8.27 26.05
C LYS F 83 4.89 -7.03 26.56
N ILE F 84 5.74 -6.44 25.75
CA ILE F 84 6.45 -5.24 26.18
C ILE F 84 5.49 -4.09 26.40
N TYR F 85 4.54 -3.93 25.49
CA TYR F 85 3.57 -2.87 25.64
C TYR F 85 2.77 -3.07 26.93
N THR F 86 2.49 -4.32 27.31
CA THR F 86 1.74 -4.53 28.53
C THR F 86 2.53 -4.07 29.76
N MET F 87 3.86 -4.19 29.69
CA MET F 87 4.68 -3.77 30.82
C MET F 87 4.77 -2.25 30.85
N ILE F 88 4.83 -1.65 29.67
CA ILE F 88 4.91 -0.20 29.53
C ILE F 88 3.60 0.48 29.97
N TYR F 89 2.45 -0.11 29.64
CA TYR F 89 1.20 0.49 30.06
C TYR F 89 1.07 0.53 31.58
N ARG F 90 1.85 -0.31 32.27
CA ARG F 90 1.83 -0.32 33.74
C ARG F 90 2.38 1.02 34.25
N ASN F 91 3.26 1.64 33.47
CA ASN F 91 3.92 2.88 33.90
C ASN F 91 3.52 4.18 33.22
N LEU F 92 2.34 4.24 32.65
CA LEU F 92 1.93 5.47 32.01
C LEU F 92 0.43 5.59 31.91
N VAL F 93 -0.03 6.80 31.62
CA VAL F 93 -1.42 7.11 31.46
C VAL F 93 -1.55 7.69 30.06
N VAL F 94 -2.51 7.19 29.29
CA VAL F 94 -2.69 7.66 27.93
C VAL F 94 -3.32 9.05 27.93
N VAL F 95 -2.82 9.92 27.06
CA VAL F 95 -3.33 11.29 26.95
C VAL F 95 -4.31 11.42 25.76
N ASN F 96 -5.51 11.94 26.01
CA ASN F 96 -6.46 12.11 24.90
C ASN F 96 -7.19 13.46 24.91
C17 35T G . 7.74 -8.55 -34.83
C16 35T G . 7.16 -8.09 -36.07
CL2 35T G . 5.50 -8.37 -36.35
C15 35T G . 7.97 -7.40 -37.04
C14 35T G . 9.36 -7.14 -36.86
C13 35T G . 9.93 -7.62 -35.60
C6 35T G . 9.15 -8.32 -34.60
C19 35T G . 9.72 -8.78 -33.27
C22 35T G . 11.03 -9.56 -33.43
C4 35T G . 11.44 -10.28 -32.14
C21 35T G . 10.75 -11.61 -31.90
C23 35T G . 11.10 -12.72 -32.91
O3 35T G . 10.48 -12.60 -34.10
O2 35T G . 11.83 -13.64 -32.69
C24 35T G . 12.95 -10.51 -32.12
C5 35T G . 11.21 -9.45 -30.87
O1 35T G . 11.58 -9.95 -29.79
N1 35T G . 10.63 -8.20 -31.00
C18 35T G . 10.75 -7.26 -29.89
C20 35T G . 12.22 -7.07 -29.54
C29 35T G . 9.88 -7.67 -32.18
C7 35T G . 8.61 -6.99 -31.91
C8 35T G . 7.56 -7.73 -31.27
C9 35T G . 6.31 -7.06 -31.05
C10 35T G . 6.26 -5.70 -31.49
CL1 35T G . 4.82 -4.88 -31.24
C11 35T G . 7.31 -4.95 -32.13
C12 35T G . 8.54 -5.63 -32.35
S1 35T G . 13.10 -6.11 -30.74
O4 35T G . 12.55 -4.81 -30.98
O5 35T G . 13.32 -6.95 -31.88
N2 35T G . 14.71 -5.80 -30.12
C25 35T G . 15.65 -6.96 -30.32
C26 35T G . 16.73 -6.85 -29.27
C27 35T G . 16.19 -5.91 -28.23
C28 35T G . 14.97 -5.17 -28.82
C1 35T G . 10.03 -6.70 -27.52
C2 35T G . 10.00 -7.79 -28.67
C3 35T G . 8.99 -6.72 -28.11
C17 35T H . 8.17 8.36 -0.88
C16 35T H . 7.03 8.73 -0.10
CL2 35T H . 6.36 10.22 -0.43
C15 35T H . 6.50 7.90 0.94
C14 35T H . 7.12 6.63 1.24
C13 35T H . 8.29 6.26 0.44
C6 35T H . 8.82 7.09 -0.61
C19 35T H . 10.00 6.70 -1.46
C22 35T H . 11.16 6.13 -0.64
C4 35T H . 12.43 5.97 -1.49
C21 35T H . 13.20 7.26 -1.79
C23 35T H . 13.89 7.76 -0.56
O3 35T H . 13.05 8.47 0.23
O2 35T H . 15.05 7.53 -0.30
C24 35T H . 13.34 4.86 -0.83
C5 35T H . 12.09 5.38 -2.88
O1 35T H . 13.02 5.13 -3.64
N1 35T H . 10.77 5.13 -3.24
C18 35T H . 10.53 4.22 -4.41
C20 35T H . 11.14 2.83 -4.18
C29 35T H . 9.56 5.68 -2.56
C7 35T H . 8.50 6.19 -3.45
C8 35T H . 8.79 7.36 -4.28
C9 35T H . 7.74 7.88 -5.07
C10 35T H . 6.49 7.22 -4.99
CL1 35T H . 5.27 7.93 -5.95
C11 35T H . 6.17 6.06 -4.19
C12 35T H . 7.23 5.52 -3.38
S1 35T H . 10.43 1.81 -2.91
O4 35T H . 9.12 1.53 -3.39
O5 35T H . 10.70 2.42 -1.64
N2 35T H . 11.32 0.29 -2.75
C25 35T H . 12.64 0.74 -2.15
C26 35T H . 13.72 -0.25 -2.56
C27 35T H . 13.08 -1.13 -3.61
C28 35T H . 11.67 -0.58 -3.90
C1 35T H . 10.53 4.20 -6.97
C2 35T H . 11.14 4.87 -5.66
C3 35T H . 10.01 5.25 -6.71
C17 35T I . 6.27 26.60 7.72
C16 35T I . 6.36 26.40 9.13
CL2 35T I . 5.92 27.66 10.16
C15 35T I . 6.77 25.14 9.69
C14 35T I . 7.09 24.04 8.86
C13 35T I . 6.98 24.25 7.42
C6 35T I . 6.57 25.51 6.83
C19 35T I . 6.45 25.71 5.35
C22 35T I . 7.67 25.21 4.57
C4 35T I . 7.64 25.72 3.11
C21 35T I . 8.09 27.18 2.91
C23 35T I . 9.55 27.43 3.19
O3 35T I . 9.84 27.52 4.51
O2 35T I . 10.40 27.56 2.33
C24 35T I . 8.53 24.77 2.27
C5 35T I . 6.21 25.64 2.47
O1 35T I . 6.07 25.97 1.28
N1 35T I . 5.15 25.20 3.23
C18 35T I . 3.93 24.71 2.50
C20 35T I . 4.25 23.63 1.48
C29 35T I . 5.14 25.16 4.72
C7 35T I . 3.91 25.69 5.34
C8 35T I . 3.63 27.12 5.30
C9 35T I . 2.43 27.58 5.96
C10 35T I . 1.61 26.58 6.60
CL1 35T I . 0.19 27.14 7.43
C11 35T I . 1.89 25.17 6.63
C12 35T I . 3.08 24.70 5.98
S1 35T I . 4.65 22.07 2.19
O4 35T I . 3.51 21.54 2.92
O5 35T I . 5.94 22.10 2.80
N2 35T I . 4.81 20.92 0.86
C25 35T I . 5.91 21.32 -0.08
C26 35T I . 5.54 20.73 -1.43
C27 35T I . 4.05 20.50 -1.41
C28 35T I . 3.59 20.54 0.05
C1 35T I . 1.69 25.61 1.66
C2 35T I . 3.25 25.89 1.81
C3 35T I . 1.94 26.32 2.59
C17 35T J . 10.23 -11.29 3.27
C16 35T J . 9.11 -10.64 2.64
CL2 35T J . 9.48 -9.52 1.36
C15 35T J . 7.77 -11.00 3.07
C14 35T J . 7.49 -11.97 4.10
C13 35T J . 8.65 -12.59 4.70
C6 35T J . 10.01 -12.27 4.32
C19 35T J . 11.21 -12.97 4.95
C22 35T J . 11.18 -13.03 6.48
C4 35T J . 12.53 -13.38 7.11
C21 35T J . 13.64 -12.36 6.91
C23 35T J . 13.46 -11.27 7.92
O3 35T J . 12.77 -10.19 7.55
O2 35T J . 13.91 -11.38 9.03
C24 35T J . 12.31 -13.67 8.60
C5 35T J . 13.09 -14.62 6.37
O1 35T J . 14.10 -15.13 6.83
N1 35T J . 12.45 -15.11 5.21
C18 35T J . 12.89 -16.47 4.74
C20 35T J . 12.72 -17.51 5.83
C29 35T J . 11.36 -14.41 4.40
C7 35T J . 11.49 -14.46 2.93
C8 35T J . 12.65 -13.85 2.32
C9 35T J . 12.77 -13.94 0.89
C10 35T J . 11.75 -14.63 0.18
CL1 35T J . 12.08 -14.66 -1.51
C11 35T J . 10.58 -15.26 0.76
C12 35T J . 10.45 -15.17 2.20
S1 35T J . 11.06 -17.80 5.92
O4 35T J . 10.34 -18.25 4.73
O5 35T J . 10.44 -16.70 6.62
N2 35T J . 10.82 -19.14 7.13
C25 35T J . 10.84 -18.76 8.60
C26 35T J . 11.52 -19.90 9.38
C27 35T J . 12.07 -20.87 8.37
C28 35T J . 11.42 -20.52 7.04
C1 35T J . 14.69 -17.67 3.40
C2 35T J . 14.37 -16.43 4.33
C3 35T J . 14.53 -16.67 2.77
C17 35T K . -21.33 -22.83 7.96
C16 35T K . -20.62 -23.05 6.71
CL2 35T K . -21.49 -23.58 5.33
C15 35T K . -19.24 -22.75 6.55
C14 35T K . -18.48 -22.19 7.63
C13 35T K . -19.19 -21.96 8.88
C6 35T K . -20.61 -22.27 9.06
C19 35T K . -21.38 -22.01 10.34
C22 35T K . -20.65 -22.55 11.57
C4 35T K . -21.56 -22.61 12.78
C21 35T K . -22.51 -23.81 12.81
C23 35T K . -21.88 -25.24 12.84
O3 35T K . -21.57 -25.87 13.99
O2 35T K . -21.67 -25.85 11.83
C24 35T K . -20.70 -22.73 14.06
C5 35T K . -22.36 -21.25 12.92
O1 35T K . -23.04 -21.07 13.94
N1 35T K . -22.29 -20.29 11.92
C18 35T K . -22.71 -18.89 12.22
C20 35T K . -21.95 -18.36 13.44
C29 35T K . -21.78 -20.52 10.55
C7 35T K . -22.55 -19.95 9.44
C8 35T K . -23.89 -20.45 9.19
C9 35T K . -24.58 -19.92 8.08
C10 35T K . -23.89 -18.92 7.30
CL1 35T K . -24.67 -18.30 5.91
C11 35T K . -22.58 -18.40 7.55
C12 35T K . -21.87 -18.94 8.67
S1 35T K . -20.24 -18.02 13.12
O4 35T K . -20.10 -16.99 12.16
O5 35T K . -19.58 -19.27 12.96
N2 35T K . -19.57 -17.52 14.64
C25 35T K . -19.54 -18.61 15.71
C26 35T K . -19.52 -17.92 17.05
C27 35T K . -20.05 -16.54 16.79
C28 35T K . -20.01 -16.28 15.27
C1 35T K . -24.77 -17.40 12.38
C2 35T K . -24.21 -18.89 12.53
C3 35T K . -25.00 -18.07 11.41
C17 35T L . 10.03 -2.99 21.00
C16 35T L . 8.73 -2.42 20.97
CL2 35T L . 7.49 -3.07 21.89
C15 35T L . 8.38 -1.29 20.15
C14 35T L . 9.37 -0.66 19.30
C13 35T L . 10.70 -1.24 19.34
C6 35T L . 11.06 -2.39 20.17
C19 35T L . 12.50 -2.92 20.20
C22 35T L . 13.15 -2.95 18.82
C4 35T L . 14.47 -3.73 18.84
C21 35T L . 14.32 -5.25 18.99
C23 35T L . 13.53 -5.85 17.87
O3 35T L . 12.18 -5.83 18.10
O2 35T L . 14.07 -6.30 16.88
C24 35T L . 15.26 -3.36 17.56
C5 35T L . 15.40 -3.25 19.97
O1 35T L . 16.59 -3.60 19.96
N1 35T L . 14.87 -2.44 20.96
C18 35T L . 15.84 -1.84 21.90
C20 35T L . 16.83 -0.91 21.19
C29 35T L . 13.39 -2.10 21.18
C7 35T L . 12.91 -2.02 22.58
C8 35T L . 12.84 -3.22 23.36
C9 35T L . 12.37 -3.13 24.69
C10 35T L . 11.98 -1.83 25.18
CL1 35T L . 11.40 -1.82 26.76
C11 35T L . 12.04 -0.60 24.44
C12 35T L . 12.53 -0.71 23.08
S1 35T L . 16.00 0.43 20.35
O4 35T L . 15.08 1.13 21.23
O5 35T L . 15.62 -0.05 19.06
N2 35T L . 17.03 1.79 20.08
C25 35T L . 18.13 1.58 19.08
C26 35T L . 19.14 2.74 19.36
C27 35T L . 18.63 3.56 20.59
C28 35T L . 17.58 2.58 21.26
C1 35T L . 17.08 -2.46 24.06
C2 35T L . 16.61 -2.97 22.63
C3 35T L . 16.11 -3.14 24.12
#